data_2HRW
#
_entry.id   2HRW
#
_cell.length_a   74.880
_cell.length_b   79.020
_cell.length_c   93.440
_cell.angle_alpha   90.00
_cell.angle_beta   90.00
_cell.angle_gamma   90.00
#
_symmetry.space_group_name_H-M   'I 2 2 2'
#
loop_
_entity.id
_entity.type
_entity.pdbx_description
1 polymer 'Phosphonopyruvate hydrolase'
2 non-polymer 'SODIUM ION'
3 non-polymer 'CHLORIDE ION'
4 water water
#
_entity_poly.entity_id   1
_entity_poly.type   'polypeptide(L)'
_entity_poly.pdbx_seq_one_letter_code
;MTKNQALRAALDSGRLFTAMAAHNPLVAKLAEQAGFGGIWGSGFELSASYAVPDANILSMSTHLEMMRAIASTVSIPLIA
DIDTGFGNAVNVHYVVPQYEAAGASAIVMEDKTFPKDTSLRTDGRQELVRIEEFQGKIAAATAARADRDFVVIARVEALI
AGLGQQEAVRRGQAYEEAGADAILIHSRQKTPDEILAFVKSWPGKVPLVLVPTAYPQLTEADIAALSKVGIVIYGNHAIR
AAVGAVREVFARIRRDGGIREVDAALPSVKEIIELQGDERMRAVEARYLK
;
_entity_poly.pdbx_strand_id   A
#
# COMPACT_ATOMS: atom_id res chain seq x y z
N MET A 1 -18.34 -2.70 12.07
CA MET A 1 -17.74 -1.73 11.10
C MET A 1 -17.25 -2.39 9.81
N THR A 2 -17.61 -1.81 8.67
CA THR A 2 -17.17 -2.34 7.38
C THR A 2 -15.68 -1.96 7.31
N LYS A 3 -14.93 -2.56 6.38
CA LYS A 3 -13.52 -2.23 6.30
C LYS A 3 -13.31 -0.73 6.07
N ASN A 4 -14.16 -0.14 5.22
CA ASN A 4 -14.08 1.30 4.88
C ASN A 4 -14.31 2.17 6.09
N GLN A 5 -15.17 1.70 6.99
CA GLN A 5 -15.45 2.47 8.21
C GLN A 5 -14.31 2.30 9.17
N ALA A 6 -13.77 1.09 9.24
CA ALA A 6 -12.63 0.82 10.14
C ALA A 6 -11.51 1.79 9.81
N LEU A 7 -11.22 1.91 8.52
CA LEU A 7 -10.17 2.79 8.03
C LEU A 7 -10.48 4.25 8.33
N ARG A 8 -11.66 4.68 7.89
CA ARG A 8 -12.08 6.05 8.07
C ARG A 8 -12.09 6.39 9.54
N ALA A 9 -12.54 5.45 10.36
CA ALA A 9 -12.60 5.63 11.80
C ALA A 9 -11.21 5.89 12.40
N ALA A 10 -10.19 5.21 11.87
CA ALA A 10 -8.80 5.39 12.34
C ALA A 10 -8.31 6.79 11.97
N LEU A 11 -8.68 7.27 10.78
CA LEU A 11 -8.28 8.60 10.32
C LEU A 11 -8.92 9.72 11.13
N ASP A 12 -10.20 9.56 11.42
CA ASP A 12 -10.92 10.58 12.16
C ASP A 12 -10.54 10.55 13.63
N SER A 13 -10.28 9.35 14.14
CA SER A 13 -9.95 9.19 15.56
C SER A 13 -8.62 9.74 16.00
N GLY A 14 -7.67 9.83 15.08
CA GLY A 14 -6.36 10.35 15.44
C GLY A 14 -5.26 9.35 15.76
N ARG A 15 -5.57 8.05 15.81
CA ARG A 15 -4.54 7.03 16.08
C ARG A 15 -3.59 7.02 14.90
N LEU A 16 -2.51 6.26 14.99
CA LEU A 16 -1.59 6.14 13.87
C LEU A 16 -1.95 4.77 13.35
N PHE A 17 -2.24 4.71 12.06
CA PHE A 17 -2.63 3.48 11.38
C PHE A 17 -1.40 2.93 10.69
N THR A 18 -1.09 1.66 10.94
CA THR A 18 0.07 1.03 10.34
C THR A 18 -0.39 0.08 9.23
N ALA A 19 0.27 0.21 8.08
CA ALA A 19 -0.01 -0.61 6.91
C ALA A 19 1.27 -1.30 6.44
N MET A 20 1.17 -2.61 6.25
CA MET A 20 2.28 -3.43 5.77
C MET A 20 2.10 -3.89 4.31
N ALA A 21 3.21 -3.90 3.57
CA ALA A 21 3.19 -4.32 2.18
C ALA A 21 2.87 -5.82 2.07
N ALA A 22 2.38 -6.23 0.91
CA ALA A 22 2.03 -7.62 0.72
C ALA A 22 1.95 -7.88 -0.77
N HIS A 23 2.64 -8.92 -1.24
CA HIS A 23 2.61 -9.26 -2.66
C HIS A 23 1.71 -10.47 -3.00
N ASN A 24 1.12 -11.08 -1.98
CA ASN A 24 0.18 -12.20 -2.16
C ASN A 24 -0.65 -12.30 -0.88
N PRO A 25 -1.84 -12.97 -0.94
CA PRO A 25 -2.76 -13.17 0.18
C PRO A 25 -2.18 -13.79 1.46
N LEU A 26 -1.39 -14.87 1.34
CA LEU A 26 -0.74 -15.48 2.51
C LEU A 26 0.08 -14.42 3.29
N VAL A 27 0.92 -13.69 2.57
CA VAL A 27 1.76 -12.65 3.15
C VAL A 27 0.89 -11.59 3.82
N ALA A 28 -0.21 -11.23 3.16
CA ALA A 28 -1.16 -10.24 3.70
C ALA A 28 -1.78 -10.80 4.99
N LYS A 29 -2.08 -12.09 4.99
CA LYS A 29 -2.67 -12.76 6.15
C LYS A 29 -1.69 -12.69 7.31
N LEU A 30 -0.43 -13.03 7.04
CA LEU A 30 0.58 -12.94 8.08
C LEU A 30 0.71 -11.53 8.66
N ALA A 31 0.57 -10.51 7.83
CA ALA A 31 0.67 -9.14 8.32
C ALA A 31 -0.47 -8.86 9.27
N GLU A 32 -1.64 -9.37 8.93
CA GLU A 32 -2.82 -9.18 9.73
C GLU A 32 -2.59 -9.83 11.09
N GLN A 33 -2.04 -11.03 11.05
CA GLN A 33 -1.78 -11.76 12.27
C GLN A 33 -0.70 -11.07 13.08
N ALA A 34 0.21 -10.37 12.42
CA ALA A 34 1.27 -9.69 13.17
C ALA A 34 0.71 -8.41 13.82
N GLY A 35 -0.49 -8.01 13.43
CA GLY A 35 -1.10 -6.84 14.02
C GLY A 35 -1.03 -5.53 13.31
N PHE A 36 -0.86 -5.48 11.99
CA PHE A 36 -0.84 -4.17 11.39
C PHE A 36 -2.29 -3.75 11.27
N GLY A 37 -2.51 -2.45 11.08
CA GLY A 37 -3.86 -1.92 10.95
C GLY A 37 -4.44 -2.29 9.59
N GLY A 38 -3.60 -2.25 8.57
CA GLY A 38 -4.03 -2.61 7.23
C GLY A 38 -2.91 -3.11 6.33
N ILE A 39 -3.30 -3.53 5.13
CA ILE A 39 -2.37 -4.03 4.12
C ILE A 39 -2.13 -2.96 3.05
N TRP A 40 -0.94 -2.98 2.45
CA TRP A 40 -0.51 -2.09 1.37
C TRP A 40 -0.37 -2.92 0.08
N GLY A 41 -1.30 -2.76 -0.87
CA GLY A 41 -1.25 -3.49 -2.12
C GLY A 41 -0.27 -2.86 -3.08
N SER A 42 1.01 -2.89 -2.69
CA SER A 42 2.09 -2.30 -3.46
C SER A 42 2.35 -2.73 -4.91
N GLY A 43 2.45 -1.73 -5.79
CA GLY A 43 2.75 -2.03 -7.17
C GLY A 43 4.21 -2.49 -7.25
N PHE A 44 5.08 -1.87 -6.45
CA PHE A 44 6.49 -2.27 -6.46
C PHE A 44 6.66 -3.75 -6.08
N GLU A 45 6.07 -4.14 -4.94
CA GLU A 45 6.17 -5.49 -4.45
C GLU A 45 5.67 -6.55 -5.41
N LEU A 46 4.52 -6.27 -6.01
CA LEU A 46 3.93 -7.24 -6.92
C LEU A 46 4.76 -7.38 -8.19
N SER A 47 5.20 -6.25 -8.75
CA SER A 47 5.99 -6.31 -9.96
C SER A 47 7.32 -6.95 -9.62
N ALA A 48 7.73 -6.83 -8.35
CA ALA A 48 9.00 -7.39 -7.94
C ALA A 48 8.84 -8.92 -7.88
N SER A 49 7.71 -9.37 -7.33
CA SER A 49 7.43 -10.81 -7.17
C SER A 49 7.28 -11.49 -8.55
N TYR A 50 7.22 -10.66 -9.59
CA TYR A 50 7.07 -11.11 -10.95
C TYR A 50 8.37 -10.87 -11.71
N ALA A 51 9.40 -10.44 -11.01
CA ALA A 51 10.69 -10.19 -11.65
C ALA A 51 10.56 -9.21 -12.83
N VAL A 52 9.77 -8.15 -12.63
CA VAL A 52 9.67 -7.14 -13.66
C VAL A 52 9.83 -5.77 -13.02
N PRO A 53 10.47 -4.83 -13.75
CA PRO A 53 10.69 -3.47 -13.26
C PRO A 53 9.35 -2.84 -12.93
N ASP A 54 9.36 -1.98 -11.91
CA ASP A 54 8.15 -1.31 -11.47
C ASP A 54 7.91 -0.06 -12.32
N ALA A 55 7.70 -0.24 -13.61
CA ALA A 55 7.46 0.88 -14.49
C ALA A 55 6.19 0.67 -15.31
N ASN A 56 5.12 0.25 -14.62
CA ASN A 56 3.84 -0.01 -15.26
C ASN A 56 3.94 -1.15 -16.27
N ILE A 57 4.79 -2.13 -15.98
CA ILE A 57 4.93 -3.29 -16.86
C ILE A 57 3.78 -4.26 -16.57
N LEU A 58 3.60 -4.61 -15.30
CA LEU A 58 2.52 -5.52 -14.91
C LEU A 58 1.17 -5.00 -15.37
N SER A 59 0.34 -5.90 -15.91
CA SER A 59 -0.99 -5.52 -16.36
C SER A 59 -1.79 -4.94 -15.19
N MET A 60 -2.68 -4.01 -15.48
CA MET A 60 -3.49 -3.39 -14.45
C MET A 60 -4.41 -4.45 -13.86
N SER A 61 -4.89 -5.39 -14.68
CA SER A 61 -5.76 -6.41 -14.15
C SER A 61 -4.98 -7.40 -13.26
N THR A 62 -3.68 -7.48 -13.47
CA THR A 62 -2.88 -8.36 -12.62
C THR A 62 -2.91 -7.84 -11.16
N HIS A 63 -2.75 -6.54 -11.00
CA HIS A 63 -2.77 -5.91 -9.68
C HIS A 63 -4.20 -5.97 -9.07
N LEU A 64 -5.20 -5.66 -9.88
CA LEU A 64 -6.59 -5.70 -9.47
C LEU A 64 -7.02 -7.07 -8.89
N GLU A 65 -6.68 -8.16 -9.57
CA GLU A 65 -7.06 -9.48 -9.09
C GLU A 65 -6.29 -9.88 -7.82
N MET A 66 -5.09 -9.37 -7.67
CA MET A 66 -4.31 -9.67 -6.50
C MET A 66 -5.01 -8.93 -5.35
N MET A 67 -5.46 -7.70 -5.61
CA MET A 67 -6.14 -6.96 -4.56
C MET A 67 -7.43 -7.67 -4.16
N ARG A 68 -8.12 -8.24 -5.14
CA ARG A 68 -9.37 -8.96 -4.88
C ARG A 68 -9.05 -10.18 -4.02
N ALA A 69 -7.97 -10.85 -4.38
CA ALA A 69 -7.51 -12.05 -3.69
C ALA A 69 -7.17 -11.77 -2.24
N ILE A 70 -6.46 -10.68 -2.00
CA ILE A 70 -6.09 -10.28 -0.66
C ILE A 70 -7.30 -9.80 0.17
N ALA A 71 -8.12 -8.91 -0.36
CA ALA A 71 -9.27 -8.40 0.40
C ALA A 71 -10.21 -9.52 0.85
N SER A 72 -10.24 -10.61 0.10
CA SER A 72 -11.12 -11.72 0.43
C SER A 72 -10.41 -12.67 1.38
N THR A 73 -9.17 -12.37 1.66
CA THR A 73 -8.42 -13.20 2.57
C THR A 73 -8.34 -12.56 3.97
N VAL A 74 -8.03 -11.27 4.04
CA VAL A 74 -7.91 -10.58 5.33
C VAL A 74 -9.20 -9.87 5.80
N SER A 75 -9.26 -9.56 7.09
CA SER A 75 -10.42 -8.85 7.63
C SER A 75 -10.10 -7.38 7.90
N ILE A 76 -8.83 -7.00 7.74
CA ILE A 76 -8.42 -5.62 7.94
C ILE A 76 -8.41 -4.84 6.61
N PRO A 77 -8.53 -3.51 6.66
CA PRO A 77 -8.55 -2.67 5.45
C PRO A 77 -7.35 -2.83 4.49
N LEU A 78 -7.60 -2.71 3.20
CA LEU A 78 -6.54 -2.82 2.17
C LEU A 78 -6.38 -1.50 1.40
N ILE A 79 -5.15 -0.99 1.31
CA ILE A 79 -4.92 0.24 0.57
C ILE A 79 -4.26 -0.16 -0.73
N ALA A 80 -4.91 0.11 -1.85
CA ALA A 80 -4.36 -0.28 -3.15
C ALA A 80 -3.52 0.79 -3.82
N ASP A 81 -2.38 0.38 -4.33
CA ASP A 81 -1.48 1.25 -5.06
C ASP A 81 -1.94 1.20 -6.53
N ILE A 82 -2.50 2.28 -7.06
CA ILE A 82 -2.97 2.28 -8.45
C ILE A 82 -2.09 3.18 -9.30
N ASP A 83 -0.90 3.50 -8.79
CA ASP A 83 0.07 4.35 -9.48
C ASP A 83 -0.47 5.71 -9.92
N THR A 84 -0.57 5.94 -11.22
CA THR A 84 -1.04 7.23 -11.72
C THR A 84 -2.42 7.14 -12.32
N GLY A 85 -3.15 6.08 -12.00
CA GLY A 85 -4.50 5.97 -12.52
C GLY A 85 -4.67 5.25 -13.84
N PHE A 86 -3.57 4.78 -14.43
CA PHE A 86 -3.60 4.04 -15.69
C PHE A 86 -4.06 4.87 -16.90
N GLY A 87 -3.93 6.19 -16.78
CA GLY A 87 -4.33 7.07 -17.85
C GLY A 87 -4.69 8.42 -17.28
N ASN A 88 -5.74 9.02 -17.79
CA ASN A 88 -6.21 10.34 -17.36
C ASN A 88 -7.50 10.20 -16.51
N ALA A 89 -8.19 11.31 -16.22
CA ALA A 89 -9.41 11.27 -15.41
C ALA A 89 -10.44 10.25 -15.92
N VAL A 90 -10.55 10.10 -17.23
CA VAL A 90 -11.47 9.11 -17.78
C VAL A 90 -11.06 7.74 -17.27
N ASN A 91 -9.79 7.38 -17.44
CA ASN A 91 -9.29 6.07 -16.99
C ASN A 91 -9.50 5.89 -15.51
N VAL A 92 -9.19 6.94 -14.75
CA VAL A 92 -9.38 6.96 -13.29
C VAL A 92 -10.85 6.66 -12.94
N HIS A 93 -11.78 7.31 -13.65
CA HIS A 93 -13.20 7.12 -13.40
C HIS A 93 -13.68 5.68 -13.57
N TYR A 94 -13.17 5.00 -14.59
CA TYR A 94 -13.54 3.61 -14.85
C TYR A 94 -12.78 2.62 -13.94
N VAL A 95 -11.58 3.01 -13.56
CA VAL A 95 -10.72 2.17 -12.73
C VAL A 95 -11.10 2.09 -11.26
N VAL A 96 -11.17 3.24 -10.60
CA VAL A 96 -11.48 3.32 -9.17
C VAL A 96 -12.61 2.40 -8.75
N PRO A 97 -13.76 2.43 -9.45
CA PRO A 97 -14.88 1.56 -9.09
C PRO A 97 -14.53 0.08 -9.14
N GLN A 98 -13.54 -0.29 -9.95
CA GLN A 98 -13.18 -1.71 -9.99
C GLN A 98 -12.40 -2.09 -8.76
N TYR A 99 -11.54 -1.19 -8.32
CA TYR A 99 -10.77 -1.42 -7.11
C TYR A 99 -11.71 -1.44 -5.90
N GLU A 100 -12.66 -0.53 -5.86
CA GLU A 100 -13.62 -0.48 -4.76
C GLU A 100 -14.41 -1.76 -4.71
N ALA A 101 -14.66 -2.32 -5.87
CA ALA A 101 -15.42 -3.56 -5.96
C ALA A 101 -14.60 -4.82 -5.63
N ALA A 102 -13.27 -4.73 -5.81
CA ALA A 102 -12.37 -5.83 -5.50
C ALA A 102 -12.32 -5.95 -3.99
N GLY A 103 -12.61 -4.84 -3.32
CA GLY A 103 -12.65 -4.84 -1.86
C GLY A 103 -11.70 -3.93 -1.14
N ALA A 104 -10.98 -3.09 -1.88
CA ALA A 104 -10.05 -2.16 -1.27
C ALA A 104 -10.81 -1.09 -0.53
N SER A 105 -10.24 -0.60 0.57
CA SER A 105 -10.88 0.45 1.36
C SER A 105 -10.33 1.84 1.04
N ALA A 106 -9.26 1.87 0.24
CA ALA A 106 -8.62 3.10 -0.18
C ALA A 106 -7.78 2.80 -1.41
N ILE A 107 -7.40 3.85 -2.13
CA ILE A 107 -6.52 3.70 -3.29
C ILE A 107 -5.53 4.85 -3.19
N VAL A 108 -4.31 4.65 -3.68
CA VAL A 108 -3.26 5.67 -3.69
C VAL A 108 -2.87 5.95 -5.14
N MET A 109 -2.90 7.23 -5.52
CA MET A 109 -2.59 7.60 -6.90
C MET A 109 -1.61 8.75 -6.85
N GLU A 110 -0.63 8.77 -7.75
CA GLU A 110 0.40 9.81 -7.74
C GLU A 110 0.30 10.76 -8.91
N ASP A 111 0.78 11.99 -8.73
CA ASP A 111 0.73 13.02 -9.78
C ASP A 111 1.86 12.98 -10.80
N LYS A 112 2.51 11.83 -10.94
CA LYS A 112 3.59 11.68 -11.90
C LYS A 112 2.92 11.42 -13.24
N THR A 113 3.61 11.76 -14.33
CA THR A 113 3.07 11.54 -15.66
C THR A 113 3.27 10.09 -16.11
N PHE A 114 2.50 9.70 -17.11
CA PHE A 114 2.61 8.37 -17.65
C PHE A 114 2.61 8.49 -19.16
N PRO A 115 3.67 7.98 -19.82
CA PRO A 115 4.84 7.33 -19.19
C PRO A 115 6.00 8.30 -18.98
N LYS A 116 7.11 7.80 -18.43
CA LYS A 116 8.31 8.62 -18.20
C LYS A 116 8.66 9.50 -19.41
N GLN A 126 7.74 17.34 -18.34
CA GLN A 126 7.21 17.46 -16.98
C GLN A 126 7.31 16.10 -16.27
N GLU A 127 8.02 16.05 -15.14
CA GLU A 127 8.13 14.80 -14.40
C GLU A 127 6.75 14.52 -13.82
N LEU A 128 6.03 15.59 -13.50
CA LEU A 128 4.69 15.51 -12.95
C LEU A 128 3.68 16.06 -13.94
N VAL A 129 2.41 15.78 -13.68
CA VAL A 129 1.33 16.30 -14.52
C VAL A 129 1.00 17.69 -13.93
N ARG A 130 0.20 18.49 -14.65
CA ARG A 130 -0.15 19.83 -14.17
C ARG A 130 -1.08 19.71 -12.96
N ILE A 131 -1.01 20.70 -12.06
CA ILE A 131 -1.80 20.71 -10.82
C ILE A 131 -3.28 20.55 -11.08
N GLU A 132 -3.79 21.37 -12.00
CA GLU A 132 -5.21 21.33 -12.33
C GLU A 132 -5.58 19.99 -12.96
N GLU A 133 -4.64 19.38 -13.69
CA GLU A 133 -4.92 18.11 -14.31
C GLU A 133 -5.11 17.04 -13.25
N PHE A 134 -4.24 17.03 -12.23
CA PHE A 134 -4.34 16.02 -11.19
C PHE A 134 -5.51 16.25 -10.27
N GLN A 135 -5.82 17.53 -10.05
CA GLN A 135 -6.95 17.89 -9.24
C GLN A 135 -8.14 17.19 -9.87
N GLY A 136 -8.20 17.28 -11.20
CA GLY A 136 -9.26 16.67 -11.98
C GLY A 136 -9.27 15.16 -11.86
N LYS A 137 -8.09 14.54 -11.87
CA LYS A 137 -7.99 13.08 -11.72
C LYS A 137 -8.46 12.66 -10.31
N ILE A 138 -8.26 13.53 -9.32
CA ILE A 138 -8.67 13.26 -7.92
C ILE A 138 -10.18 13.42 -7.74
N ALA A 139 -10.74 14.45 -8.37
CA ALA A 139 -12.16 14.73 -8.33
C ALA A 139 -12.89 13.58 -9.01
N ALA A 140 -12.30 13.09 -10.11
CA ALA A 140 -12.89 11.96 -10.83
C ALA A 140 -12.89 10.73 -9.94
N ALA A 141 -11.86 10.59 -9.11
CA ALA A 141 -11.80 9.45 -8.22
C ALA A 141 -12.89 9.54 -7.14
N THR A 142 -12.97 10.66 -6.43
CA THR A 142 -13.99 10.81 -5.39
C THR A 142 -15.42 10.69 -5.93
N ALA A 143 -15.63 11.14 -7.17
CA ALA A 143 -16.96 11.05 -7.80
C ALA A 143 -17.27 9.60 -8.15
N ALA A 144 -16.30 8.90 -8.71
CA ALA A 144 -16.50 7.50 -9.10
C ALA A 144 -16.81 6.53 -7.96
N ARG A 145 -16.37 6.82 -6.75
CA ARG A 145 -16.63 5.91 -5.61
C ARG A 145 -18.10 5.81 -5.16
N ALA A 146 -18.53 4.61 -4.77
CA ALA A 146 -19.91 4.38 -4.33
C ALA A 146 -20.08 4.64 -2.83
N ASP A 147 -19.19 4.09 -2.03
CA ASP A 147 -19.30 4.29 -0.59
C ASP A 147 -18.40 5.46 -0.18
N ARG A 148 -19.01 6.53 0.35
CA ARG A 148 -18.27 7.72 0.78
C ARG A 148 -17.14 7.42 1.75
N ASP A 149 -17.13 6.22 2.33
CA ASP A 149 -16.08 5.87 3.27
C ASP A 149 -14.80 5.46 2.55
N PHE A 150 -14.93 4.92 1.34
CA PHE A 150 -13.76 4.55 0.57
C PHE A 150 -12.83 5.74 0.62
N VAL A 151 -11.56 5.54 0.94
CA VAL A 151 -10.63 6.65 1.06
C VAL A 151 -9.81 6.88 -0.19
N VAL A 152 -9.64 8.15 -0.56
CA VAL A 152 -8.84 8.45 -1.74
C VAL A 152 -7.60 9.22 -1.29
N ILE A 153 -6.44 8.65 -1.56
CA ILE A 153 -5.21 9.27 -1.14
C ILE A 153 -4.40 9.81 -2.31
N ALA A 154 -4.13 11.11 -2.28
CA ALA A 154 -3.32 11.74 -3.32
C ALA A 154 -1.85 11.66 -2.91
N ARG A 155 -1.01 11.32 -3.87
CA ARG A 155 0.41 11.19 -3.62
C ARG A 155 1.25 12.21 -4.35
N VAL A 156 1.81 13.13 -3.57
CA VAL A 156 2.62 14.22 -4.11
C VAL A 156 4.08 13.78 -4.29
N GLU A 157 4.52 13.78 -5.54
CA GLU A 157 5.87 13.38 -5.89
C GLU A 157 6.81 14.53 -6.17
N ALA A 158 6.38 15.74 -5.82
CA ALA A 158 7.16 16.96 -6.04
C ALA A 158 8.56 16.96 -5.40
N LEU A 159 8.69 16.47 -4.17
CA LEU A 159 10.01 16.44 -3.55
C LEU A 159 10.93 15.57 -4.40
N ILE A 160 10.46 14.37 -4.73
CA ILE A 160 11.20 13.43 -5.56
C ILE A 160 11.60 14.12 -6.87
N ALA A 161 10.72 14.98 -7.37
CA ALA A 161 10.95 15.71 -8.61
C ALA A 161 12.01 16.81 -8.45
N GLY A 162 12.13 17.35 -7.25
CA GLY A 162 13.10 18.41 -7.03
C GLY A 162 12.52 19.73 -7.41
N LEU A 163 11.19 19.81 -7.33
CA LEU A 163 10.48 21.04 -7.64
C LEU A 163 10.48 21.93 -6.40
N GLY A 164 10.68 21.30 -5.24
CA GLY A 164 10.75 22.06 -4.00
C GLY A 164 9.62 21.86 -3.03
N GLN A 165 9.79 22.37 -1.81
CA GLN A 165 8.80 22.28 -0.74
C GLN A 165 7.56 23.13 -1.01
N GLN A 166 7.79 24.36 -1.46
CA GLN A 166 6.70 25.29 -1.76
C GLN A 166 5.68 24.64 -2.72
N GLU A 167 6.20 24.02 -3.78
CA GLU A 167 5.38 23.36 -4.80
C GLU A 167 4.73 22.08 -4.31
N ALA A 168 5.39 21.39 -3.38
CA ALA A 168 4.88 20.15 -2.84
C ALA A 168 3.62 20.44 -1.99
N VAL A 169 3.71 21.47 -1.16
CA VAL A 169 2.58 21.85 -0.32
C VAL A 169 1.42 22.44 -1.14
N ARG A 170 1.75 23.13 -2.21
CA ARG A 170 0.74 23.74 -3.09
C ARG A 170 -0.04 22.63 -3.78
N ARG A 171 0.65 21.51 -4.07
CA ARG A 171 0.01 20.37 -4.73
C ARG A 171 -0.82 19.66 -3.72
N GLY A 172 -0.23 19.33 -2.58
CA GLY A 172 -1.00 18.67 -1.55
C GLY A 172 -2.27 19.44 -1.21
N GLN A 173 -2.18 20.77 -1.14
CA GLN A 173 -3.34 21.61 -0.82
C GLN A 173 -4.33 21.64 -1.98
N ALA A 174 -3.80 21.64 -3.20
CA ALA A 174 -4.65 21.66 -4.38
C ALA A 174 -5.41 20.37 -4.45
N TYR A 175 -4.74 19.26 -4.10
CA TYR A 175 -5.37 17.93 -4.16
C TYR A 175 -6.43 17.79 -3.10
N GLU A 176 -6.14 18.32 -1.92
CA GLU A 176 -7.07 18.31 -0.79
C GLU A 176 -8.37 19.04 -1.18
N GLU A 177 -8.25 20.15 -1.91
CA GLU A 177 -9.42 20.94 -2.36
C GLU A 177 -10.14 20.20 -3.46
N ALA A 178 -9.44 19.32 -4.16
CA ALA A 178 -10.11 18.56 -5.20
C ALA A 178 -10.86 17.40 -4.54
N GLY A 179 -10.65 17.20 -3.24
CA GLY A 179 -11.35 16.11 -2.59
C GLY A 179 -10.52 14.97 -2.03
N ALA A 180 -9.20 15.08 -2.07
CA ALA A 180 -8.33 14.04 -1.53
C ALA A 180 -8.51 13.93 -0.01
N ASP A 181 -8.75 12.73 0.48
CA ASP A 181 -8.94 12.47 1.90
C ASP A 181 -7.63 12.47 2.70
N ALA A 182 -6.51 12.17 2.04
CA ALA A 182 -5.21 12.13 2.71
C ALA A 182 -4.11 12.40 1.72
N ILE A 183 -2.95 12.81 2.21
CA ILE A 183 -1.84 13.13 1.31
C ILE A 183 -0.60 12.32 1.65
N LEU A 184 -0.12 11.60 0.65
CA LEU A 184 1.08 10.81 0.78
C LEU A 184 2.14 11.74 0.21
N ILE A 185 3.15 12.03 1.00
CA ILE A 185 4.22 12.89 0.54
C ILE A 185 5.48 12.03 0.65
N HIS A 186 6.22 11.92 -0.45
CA HIS A 186 7.39 11.08 -0.46
C HIS A 186 8.68 11.87 -0.55
N SER A 187 9.76 11.31 -0.01
CA SER A 187 11.09 11.96 -0.04
C SER A 187 12.23 11.00 -0.41
N ARG A 188 13.24 11.52 -1.12
CA ARG A 188 14.42 10.74 -1.55
C ARG A 188 15.51 10.69 -0.48
N GLN A 189 16.01 11.87 -0.09
CA GLN A 189 17.04 12.01 0.94
C GLN A 189 17.24 10.77 1.79
N LYS A 190 18.47 10.49 2.18
CA LYS A 190 18.69 9.32 3.02
C LYS A 190 18.40 9.69 4.48
N THR A 191 18.21 10.99 4.73
CA THR A 191 17.87 11.51 6.07
C THR A 191 16.44 12.05 6.03
N PRO A 192 15.67 11.82 7.10
CA PRO A 192 14.30 12.30 7.14
C PRO A 192 14.18 13.78 7.43
N ASP A 193 15.11 14.58 6.90
CA ASP A 193 15.10 16.04 7.11
C ASP A 193 14.06 16.67 6.21
N GLU A 194 14.07 16.26 4.94
CA GLU A 194 13.15 16.79 3.96
C GLU A 194 11.70 16.51 4.36
N ILE A 195 11.42 15.25 4.66
CA ILE A 195 10.09 14.84 5.07
C ILE A 195 9.58 15.64 6.27
N LEU A 196 10.39 15.70 7.34
CA LEU A 196 9.99 16.42 8.56
C LEU A 196 9.65 17.88 8.27
N ALA A 197 10.54 18.53 7.53
CA ALA A 197 10.35 19.92 7.12
C ALA A 197 8.95 20.09 6.52
N PHE A 198 8.57 19.16 5.63
CA PHE A 198 7.26 19.21 5.01
C PHE A 198 6.17 19.11 6.07
N VAL A 199 6.23 18.05 6.87
CA VAL A 199 5.22 17.83 7.90
C VAL A 199 4.98 19.09 8.70
N LYS A 200 6.07 19.67 9.20
CA LYS A 200 6.00 20.87 10.02
C LYS A 200 5.28 22.03 9.33
N SER A 201 5.54 22.21 8.04
CA SER A 201 4.89 23.31 7.34
C SER A 201 3.56 22.95 6.70
N TRP A 202 3.13 21.70 6.77
CA TRP A 202 1.85 21.30 6.15
C TRP A 202 0.67 21.99 6.83
N PRO A 203 -0.03 22.89 6.10
CA PRO A 203 -1.18 23.65 6.59
C PRO A 203 -2.55 23.02 6.31
N GLY A 204 -2.58 22.09 5.36
CA GLY A 204 -3.84 21.46 4.98
C GLY A 204 -4.56 20.78 6.13
N LYS A 205 -5.86 20.63 5.97
CA LYS A 205 -6.68 20.02 7.01
C LYS A 205 -6.67 18.47 7.05
N VAL A 206 -6.32 17.79 5.96
CA VAL A 206 -6.33 16.31 5.97
C VAL A 206 -5.05 15.65 6.48
N PRO A 207 -5.15 14.39 6.90
CA PRO A 207 -4.05 13.56 7.43
C PRO A 207 -2.93 13.28 6.41
N LEU A 208 -1.68 13.20 6.86
CA LEU A 208 -0.56 12.88 5.98
C LEU A 208 -0.18 11.40 6.06
N VAL A 209 0.45 10.91 5.00
CA VAL A 209 0.87 9.50 4.91
C VAL A 209 2.36 9.43 4.64
N LEU A 210 3.04 8.58 5.41
CA LEU A 210 4.47 8.38 5.24
C LEU A 210 4.78 6.94 4.87
N VAL A 211 5.85 6.80 4.09
CA VAL A 211 6.38 5.52 3.62
C VAL A 211 7.87 5.72 3.79
N PRO A 212 8.33 5.79 5.05
CA PRO A 212 9.70 5.99 5.54
C PRO A 212 10.73 4.93 5.21
N THR A 213 10.56 4.31 4.06
CA THR A 213 11.46 3.25 3.60
C THR A 213 12.94 3.62 3.53
N ALA A 214 13.23 4.84 3.06
CA ALA A 214 14.62 5.30 2.92
C ALA A 214 15.27 5.82 4.20
N TYR A 215 14.45 6.21 5.17
CA TYR A 215 14.96 6.70 6.44
C TYR A 215 14.41 5.84 7.56
N PRO A 216 14.98 4.64 7.69
CA PRO A 216 14.59 3.65 8.70
C PRO A 216 14.95 4.04 10.14
N GLN A 217 15.42 5.26 10.34
CA GLN A 217 15.79 5.68 11.70
C GLN A 217 14.57 6.32 12.35
N LEU A 218 13.59 6.63 11.50
CA LEU A 218 12.34 7.25 11.91
C LEU A 218 11.37 6.16 12.37
N THR A 219 11.23 5.99 13.68
CA THR A 219 10.37 4.98 14.27
C THR A 219 8.88 5.38 14.31
N GLU A 220 8.02 4.44 14.69
CA GLU A 220 6.59 4.73 14.77
C GLU A 220 6.40 5.76 15.88
N ALA A 221 7.27 5.73 16.89
CA ALA A 221 7.20 6.70 17.99
C ALA A 221 7.54 8.09 17.44
N ASP A 222 8.57 8.15 16.59
CA ASP A 222 8.92 9.43 16.02
C ASP A 222 7.79 9.93 15.12
N ILE A 223 7.16 9.04 14.38
CA ILE A 223 6.07 9.46 13.51
C ILE A 223 4.79 9.73 14.31
N ALA A 224 4.57 8.98 15.40
CA ALA A 224 3.38 9.20 16.23
C ALA A 224 3.49 10.61 16.80
N ALA A 225 4.71 11.05 17.06
CA ALA A 225 4.97 12.39 17.61
C ALA A 225 4.46 13.48 16.66
N LEU A 226 4.37 13.13 15.40
CA LEU A 226 3.91 14.05 14.36
C LEU A 226 2.39 13.93 14.23
N SER A 227 1.67 14.78 14.99
CA SER A 227 0.21 14.82 14.99
C SER A 227 -0.42 14.83 13.60
N LYS A 228 0.25 15.46 12.64
CA LYS A 228 -0.28 15.57 11.29
C LYS A 228 -0.29 14.26 10.45
N VAL A 229 0.62 13.32 10.76
CA VAL A 229 0.70 12.04 10.05
C VAL A 229 -0.38 11.08 10.55
N GLY A 230 -1.24 10.62 9.67
CA GLY A 230 -2.28 9.70 10.10
C GLY A 230 -2.01 8.22 9.80
N ILE A 231 -1.19 7.96 8.79
CA ILE A 231 -0.89 6.58 8.37
C ILE A 231 0.61 6.39 8.09
N VAL A 232 1.13 5.23 8.50
CA VAL A 232 2.53 4.88 8.24
C VAL A 232 2.49 3.64 7.35
N ILE A 233 3.29 3.64 6.30
CA ILE A 233 3.29 2.50 5.39
C ILE A 233 4.67 1.87 5.20
N TYR A 234 4.74 0.56 5.45
CA TYR A 234 5.98 -0.17 5.25
C TYR A 234 5.95 -0.67 3.82
N GLY A 235 6.66 0.05 2.95
CA GLY A 235 6.60 -0.21 1.48
C GLY A 235 7.19 -1.49 0.81
N ASN A 236 8.17 -2.19 1.36
CA ASN A 236 8.74 -3.30 0.60
C ASN A 236 9.47 -4.33 1.43
N HIS A 237 9.15 -4.37 2.73
CA HIS A 237 9.81 -5.29 3.60
C HIS A 237 9.32 -6.72 3.42
N ALA A 238 8.11 -6.91 2.92
CA ALA A 238 7.60 -8.25 2.69
C ALA A 238 8.46 -8.95 1.63
N ILE A 239 8.54 -8.36 0.46
CA ILE A 239 9.32 -8.95 -0.60
C ILE A 239 10.82 -9.04 -0.23
N ARG A 240 11.33 -8.06 0.51
CA ARG A 240 12.73 -8.13 0.90
C ARG A 240 12.95 -9.29 1.86
N ALA A 241 12.08 -9.44 2.86
CA ALA A 241 12.20 -10.53 3.83
C ALA A 241 12.19 -11.87 3.10
N ALA A 242 11.28 -12.01 2.15
CA ALA A 242 11.12 -13.23 1.35
C ALA A 242 12.38 -13.51 0.53
N VAL A 243 12.83 -12.52 -0.22
CA VAL A 243 14.04 -12.70 -1.04
C VAL A 243 15.23 -13.14 -0.16
N GLY A 244 15.53 -12.36 0.87
CA GLY A 244 16.64 -12.74 1.74
C GLY A 244 16.63 -14.18 2.22
N ALA A 245 15.47 -14.67 2.65
CA ALA A 245 15.38 -16.05 3.18
C ALA A 245 15.36 -17.18 2.12
N VAL A 246 14.59 -17.00 1.05
CA VAL A 246 14.54 -18.01 0.00
C VAL A 246 15.96 -18.15 -0.61
N ARG A 247 16.59 -17.02 -0.85
CA ARG A 247 17.93 -17.01 -1.41
C ARG A 247 18.88 -17.85 -0.51
N GLU A 248 18.88 -17.57 0.79
CA GLU A 248 19.75 -18.29 1.72
C GLU A 248 19.46 -19.79 1.79
N VAL A 249 18.18 -20.15 1.75
CA VAL A 249 17.76 -21.54 1.82
C VAL A 249 18.08 -22.30 0.54
N PHE A 250 18.08 -21.59 -0.59
CA PHE A 250 18.41 -22.23 -1.87
C PHE A 250 19.92 -22.42 -1.91
N ALA A 251 20.65 -21.54 -1.24
CA ALA A 251 22.10 -21.65 -1.23
C ALA A 251 22.52 -22.81 -0.33
N ARG A 252 21.87 -22.92 0.83
CA ARG A 252 22.18 -24.02 1.73
C ARG A 252 21.86 -25.38 1.09
N ILE A 253 20.70 -25.52 0.45
CA ILE A 253 20.32 -26.79 -0.17
C ILE A 253 21.33 -27.26 -1.22
N ARG A 254 21.79 -26.33 -2.06
CA ARG A 254 22.77 -26.62 -3.12
C ARG A 254 24.22 -26.73 -2.59
N ARG A 255 24.45 -26.27 -1.36
CA ARG A 255 25.77 -26.37 -0.78
C ARG A 255 25.79 -27.67 0.03
N ASP A 256 24.66 -28.00 0.66
CA ASP A 256 24.53 -29.23 1.45
C ASP A 256 24.15 -30.43 0.55
N GLY A 257 23.67 -30.14 -0.66
CA GLY A 257 23.27 -31.21 -1.55
C GLY A 257 22.07 -31.95 -0.96
N GLY A 258 21.11 -31.20 -0.44
CA GLY A 258 19.94 -31.80 0.15
C GLY A 258 19.31 -30.85 1.15
N ILE A 259 18.27 -31.33 1.85
CA ILE A 259 17.58 -30.50 2.83
C ILE A 259 17.53 -31.20 4.19
N ARG A 260 18.64 -31.83 4.54
CA ARG A 260 18.68 -32.54 5.80
C ARG A 260 19.00 -31.58 6.92
N GLU A 261 19.84 -30.60 6.64
CA GLU A 261 20.26 -29.59 7.63
C GLU A 261 19.25 -28.45 7.71
N VAL A 262 18.70 -28.09 6.55
CA VAL A 262 17.80 -26.96 6.45
C VAL A 262 16.34 -27.19 6.84
N ASP A 263 15.86 -28.43 6.73
CA ASP A 263 14.46 -28.74 7.06
C ASP A 263 14.03 -28.35 8.47
N ALA A 264 14.93 -28.58 9.43
CA ALA A 264 14.70 -28.28 10.84
C ALA A 264 14.36 -26.81 11.11
N ALA A 265 15.08 -25.91 10.44
CA ALA A 265 14.92 -24.46 10.56
C ALA A 265 13.70 -23.88 9.81
N LEU A 266 12.87 -24.73 9.24
CA LEU A 266 11.72 -24.23 8.48
C LEU A 266 10.38 -24.39 9.14
N PRO A 267 9.40 -23.58 8.72
CA PRO A 267 8.09 -23.74 9.33
C PRO A 267 7.69 -25.13 8.81
N SER A 268 6.95 -25.91 9.59
CA SER A 268 6.55 -27.23 9.13
C SER A 268 5.50 -27.14 8.01
N VAL A 269 5.24 -28.28 7.37
CA VAL A 269 4.21 -28.31 6.33
C VAL A 269 2.84 -28.14 7.00
N LYS A 270 2.67 -28.69 8.22
CA LYS A 270 1.40 -28.55 8.92
C LYS A 270 1.10 -27.06 9.13
N GLU A 271 2.13 -26.28 9.46
CA GLU A 271 1.94 -24.84 9.67
C GLU A 271 1.44 -24.14 8.40
N ILE A 272 1.94 -24.58 7.25
CA ILE A 272 1.49 -23.98 6.01
C ILE A 272 0.01 -24.37 5.77
N ILE A 273 -0.35 -25.63 6.02
CA ILE A 273 -1.75 -26.07 5.85
C ILE A 273 -2.71 -25.24 6.75
N GLU A 274 -2.28 -24.91 7.97
CA GLU A 274 -3.12 -24.12 8.87
C GLU A 274 -3.33 -22.71 8.34
N LEU A 275 -2.29 -22.14 7.74
CA LEU A 275 -2.39 -20.80 7.17
C LEU A 275 -3.27 -20.80 5.91
N GLN A 276 -3.39 -21.96 5.26
CA GLN A 276 -4.23 -22.12 4.07
C GLN A 276 -5.73 -22.12 4.42
N GLY A 277 -6.04 -22.25 5.71
CA GLY A 277 -7.43 -22.25 6.11
C GLY A 277 -7.98 -23.66 6.16
N ASP A 278 -7.14 -24.58 6.64
CA ASP A 278 -7.56 -25.97 6.71
C ASP A 278 -8.73 -26.21 7.64
N GLU A 279 -8.79 -25.45 8.73
CA GLU A 279 -9.85 -25.54 9.72
C GLU A 279 -11.19 -25.28 9.06
N ARG A 280 -11.28 -24.19 8.32
CA ARG A 280 -12.52 -23.88 7.65
C ARG A 280 -12.87 -25.04 6.73
N MET A 281 -11.87 -25.56 6.01
CA MET A 281 -12.14 -26.66 5.08
C MET A 281 -12.60 -27.95 5.76
N ARG A 282 -12.07 -28.22 6.95
CA ARG A 282 -12.45 -29.42 7.72
C ARG A 282 -13.93 -29.34 8.11
N ALA A 283 -14.37 -28.16 8.55
CA ALA A 283 -15.76 -27.95 8.94
C ALA A 283 -16.64 -28.17 7.70
N VAL A 284 -16.28 -27.56 6.57
CA VAL A 284 -17.06 -27.74 5.34
C VAL A 284 -17.18 -29.22 4.98
N GLU A 285 -16.05 -29.91 4.87
CA GLU A 285 -16.05 -31.32 4.51
C GLU A 285 -16.93 -32.07 5.48
N ALA A 286 -16.80 -31.73 6.76
CA ALA A 286 -17.56 -32.40 7.81
C ALA A 286 -19.06 -32.22 7.71
N ARG A 287 -19.51 -31.01 7.42
CA ARG A 287 -20.94 -30.78 7.39
C ARG A 287 -21.61 -30.87 6.03
N TYR A 288 -20.84 -30.75 4.94
CA TYR A 288 -21.47 -30.80 3.63
C TYR A 288 -21.01 -31.92 2.68
N LEU A 289 -19.84 -32.50 2.90
CA LEU A 289 -19.40 -33.57 2.02
C LEU A 289 -20.15 -34.83 2.39
N LYS A 290 -21.21 -35.12 1.64
CA LYS A 290 -22.04 -36.28 1.88
C LYS A 290 -22.17 -37.07 0.60
#